data_2ZDV
#
_entry.id   2ZDV
#
_cell.length_a   70.5
_cell.length_b   71.4
_cell.length_c   72.8
_cell.angle_alpha   90.00
_cell.angle_beta   100.6
_cell.angle_gamma   90.00
#
_symmetry.space_group_name_H-M   'C 1 2 1'
#
loop_
_entity.id
_entity.type
_entity.pdbx_description
1 polymer 'Thrombin Light Chain'
2 polymer 'Thrombin Heavy Chain'
3 polymer 'Hirudin variant-1'
4 non-polymer 'SODIUM ION'
5 non-polymer 'PHOSPHATE ION'
6 non-polymer D-phenylalanyl-N-(3-fluorobenzyl)-L-prolinamide
7 water water
#
loop_
_entity_poly.entity_id
_entity_poly.type
_entity_poly.pdbx_seq_one_letter_code
_entity_poly.pdbx_strand_id
1 'polypeptide(L)' TFGSGEADCGLRPLFEKKSLEDKTERELLESYIDGR L
2 'polypeptide(L)'
;IVEGSDAEIGMSPWQVMLFRKSPQELLCGASLISDRWVLTAAHCLLYPPWDKNFTENDLLVRIGKHSRTRYERNIEKISM
LEKIYIHPRYNWRENLDRDIALMKLKKPVAFSDYIHPVCLPDRETAASLLQAGYKGRVTGWGNLKETWTANVGKGQPSVL
QVVNLPIVERPVCKDSTRIRITDNMFCAGYKPDEGKRGDACEGDSGGPFVMKSPFNNRWYQMGIVSWGEGCDRDGKYGFY
THVFRLKKWIQKVIDQFGE
;
H
3 'polypeptide(L)' GDFEEIPEE(TYS)L I
#
# COMPACT_ATOMS: atom_id res chain seq x y z
N GLU A 6 -5.91 -1.96 15.71
CA GLU A 6 -5.77 -2.62 17.00
C GLU A 6 -4.96 -1.76 17.97
N ALA A 7 -4.96 -2.24 19.20
CA ALA A 7 -4.27 -1.63 20.33
C ALA A 7 -2.78 -1.44 20.06
N ASP A 8 -2.17 -2.33 19.30
CA ASP A 8 -0.74 -2.34 19.03
C ASP A 8 -0.36 -1.94 17.61
N CYS A 9 -1.37 -1.52 16.85
CA CYS A 9 -1.19 -1.23 15.45
C CYS A 9 -0.04 -0.25 15.25
N GLY A 10 0.69 -0.38 14.15
CA GLY A 10 1.62 0.63 13.73
C GLY A 10 2.91 0.69 14.50
N LEU A 11 3.08 -0.26 15.42
CA LEU A 11 4.32 -0.40 16.16
C LEU A 11 5.05 -1.65 15.69
N ARG A 12 6.15 -1.47 14.97
CA ARG A 12 6.82 -2.62 14.38
C ARG A 12 7.64 -3.37 15.43
N PRO A 13 7.46 -4.68 15.49
CA PRO A 13 8.27 -5.50 16.42
C PRO A 13 9.76 -5.29 16.30
N LEU A 14 10.32 -5.09 15.12
CA LEU A 14 11.79 -5.01 14.98
C LEU A 14 12.32 -3.59 15.08
N PHE A 15 11.42 -2.65 15.29
CA PHE A 15 11.78 -1.23 15.34
C PHE A 15 11.16 -0.55 16.55
N GLU A 16 9.96 0.02 16.46
CA GLU A 16 9.38 0.74 17.59
C GLU A 16 9.34 -0.11 18.86
N LYS A 17 9.05 -1.39 18.74
CA LYS A 17 8.92 -2.21 19.96
C LYS A 17 10.27 -2.43 20.64
N LYS A 18 11.37 -2.25 19.94
CA LYS A 18 12.71 -2.43 20.46
C LYS A 18 13.41 -1.08 20.59
N SER A 19 12.66 -0.02 20.34
CA SER A 19 13.26 1.32 20.28
C SER A 19 14.44 1.37 19.33
N LEU A 20 14.29 0.79 18.14
CA LEU A 20 15.26 0.85 17.08
C LEU A 20 14.63 1.69 15.95
N GLU A 21 15.44 2.53 15.33
CA GLU A 21 14.93 3.32 14.18
C GLU A 21 15.40 2.71 12.88
N ASP A 22 14.58 2.80 11.81
CA ASP A 22 15.07 2.33 10.51
C ASP A 22 15.93 3.40 9.87
N LYS A 23 16.59 3.09 8.76
CA LYS A 23 17.56 4.02 8.21
C LYS A 23 16.95 5.28 7.62
N THR A 24 15.66 5.42 7.30
CA THR A 24 15.28 6.67 6.65
C THR A 24 14.05 7.29 7.31
N GLU A 25 13.58 6.74 8.44
CA GLU A 25 12.39 7.31 9.08
C GLU A 25 12.64 8.74 9.52
N ARG A 26 13.88 9.10 9.82
CA ARG A 26 14.15 10.46 10.22
C ARG A 26 13.85 11.48 9.12
N GLU A 27 14.00 11.11 7.84
CA GLU A 27 13.61 11.97 6.73
C GLU A 27 12.12 12.32 6.77
N LEU A 28 11.28 11.36 7.20
CA LEU A 28 9.88 11.72 7.36
C LEU A 28 9.69 12.71 8.51
N LEU A 29 10.24 12.42 9.69
CA LEU A 29 10.11 13.31 10.85
C LEU A 29 10.56 14.72 10.48
N GLU A 30 11.67 14.81 9.77
CA GLU A 30 12.18 16.16 9.48
C GLU A 30 11.25 16.94 8.57
N SER A 31 10.38 16.26 7.82
CA SER A 31 9.45 16.93 6.93
C SER A 31 8.21 17.41 7.66
N TYR A 32 8.02 16.94 8.89
CA TYR A 32 6.79 17.27 9.62
C TYR A 32 6.99 18.55 10.41
N ILE A 33 6.95 19.67 9.70
CA ILE A 33 7.22 21.01 10.16
C ILE A 33 5.94 21.82 10.32
N ILE B 1 8.48 -0.01 -7.62
CA ILE B 1 9.00 1.24 -7.08
C ILE B 1 10.21 1.71 -7.86
N VAL B 2 10.13 2.92 -8.35
CA VAL B 2 11.23 3.55 -9.07
C VAL B 2 12.11 4.39 -8.17
N GLU B 3 13.41 4.14 -8.18
CA GLU B 3 14.38 4.98 -7.50
C GLU B 3 14.26 4.88 -5.97
N GLY B 4 13.83 3.72 -5.51
CA GLY B 4 13.76 3.42 -4.10
C GLY B 4 15.00 2.64 -3.67
N SER B 5 14.91 2.01 -2.53
CA SER B 5 15.95 1.16 -1.96
C SER B 5 15.33 -0.13 -1.45
N ASP B 6 16.17 -1.15 -1.23
CA ASP B 6 15.70 -2.37 -0.60
C ASP B 6 15.22 -2.04 0.81
N ALA B 7 14.10 -2.64 1.17
CA ALA B 7 13.62 -2.54 2.53
C ALA B 7 14.57 -3.21 3.51
N GLU B 8 14.58 -2.74 4.76
CA GLU B 8 15.15 -3.49 5.88
C GLU B 8 14.23 -4.62 6.28
N ILE B 9 14.75 -5.67 6.91
CA ILE B 9 13.89 -6.72 7.42
C ILE B 9 12.93 -6.18 8.47
N GLY B 10 11.63 -6.52 8.35
CA GLY B 10 10.65 -6.04 9.31
C GLY B 10 10.28 -4.57 9.26
N MET B 11 10.73 -3.86 8.24
CA MET B 11 10.46 -2.43 8.10
C MET B 11 9.02 -2.11 7.71
N SER B 12 8.35 -3.04 7.03
CA SER B 12 6.94 -2.81 6.64
CA SER B 12 6.97 -2.83 6.60
C SER B 12 6.15 -4.08 6.84
N PRO B 13 5.93 -4.46 8.09
CA PRO B 13 5.37 -5.77 8.43
C PRO B 13 3.86 -5.86 8.16
N TRP B 14 3.26 -4.76 7.72
CA TRP B 14 1.90 -4.71 7.22
C TRP B 14 1.83 -4.92 5.70
N GLN B 15 2.95 -5.04 5.00
CA GLN B 15 2.96 -5.22 3.55
C GLN B 15 2.39 -6.58 3.18
N VAL B 16 1.51 -6.54 2.19
CA VAL B 16 0.84 -7.77 1.77
C VAL B 16 1.05 -7.90 0.26
N MET B 17 1.26 -9.13 -0.20
CA MET B 17 1.37 -9.44 -1.62
C MET B 17 0.07 -10.14 -2.03
N LEU B 18 -0.59 -9.57 -3.02
CA LEU B 18 -1.72 -10.19 -3.67
C LEU B 18 -1.15 -11.08 -4.78
N PHE B 19 -1.48 -12.37 -4.69
CA PHE B 19 -0.81 -13.33 -5.54
C PHE B 19 -1.79 -14.15 -6.37
N ARG B 20 -1.52 -14.25 -7.67
CA ARG B 20 -2.45 -15.09 -8.47
C ARG B 20 -2.06 -16.57 -8.41
N LYS B 21 -3.03 -17.44 -8.22
CA LYS B 21 -2.88 -18.87 -8.03
C LYS B 21 -2.39 -19.61 -9.28
N SER B 22 -2.96 -19.27 -10.42
CA SER B 22 -2.64 -19.87 -11.71
C SER B 22 -2.93 -18.89 -12.85
N PRO B 23 -1.95 -18.39 -13.58
CA PRO B 23 -0.53 -18.70 -13.39
C PRO B 23 -0.03 -17.93 -12.16
N GLN B 24 0.91 -18.55 -11.47
CA GLN B 24 1.34 -18.00 -10.18
C GLN B 24 2.09 -16.71 -10.43
N GLU B 25 1.53 -15.61 -9.92
CA GLU B 25 2.30 -14.38 -10.13
C GLU B 25 1.80 -13.24 -9.23
N LEU B 26 2.66 -12.25 -9.09
CA LEU B 26 2.25 -11.05 -8.34
C LEU B 26 1.12 -10.34 -9.07
N LEU B 27 0.11 -9.97 -8.29
CA LEU B 27 -0.94 -9.13 -8.86
C LEU B 27 -0.83 -7.70 -8.39
N CYS B 28 -0.56 -7.53 -7.10
CA CYS B 28 -0.71 -6.19 -6.54
C CYS B 28 -0.13 -6.22 -5.14
N GLY B 29 -0.09 -5.04 -4.55
CA GLY B 29 0.28 -4.89 -3.14
C GLY B 29 -1.03 -4.69 -2.37
N ALA B 30 -0.94 -4.61 -1.06
CA ALA B 30 -2.01 -4.54 -0.11
C ALA B 30 -1.39 -4.31 1.28
N SER B 31 -2.27 -4.15 2.24
CA SER B 31 -1.83 -3.96 3.60
C SER B 31 -2.70 -4.68 4.62
N LEU B 32 -1.99 -5.01 5.71
CA LEU B 32 -2.66 -5.70 6.80
C LEU B 32 -3.16 -4.70 7.83
N ILE B 33 -4.48 -4.71 8.06
CA ILE B 33 -5.02 -3.75 9.01
C ILE B 33 -5.58 -4.40 10.26
N SER B 34 -5.62 -5.73 10.30
CA SER B 34 -5.98 -6.44 11.54
C SER B 34 -5.70 -7.92 11.31
N ASP B 35 -6.05 -8.82 12.24
CA ASP B 35 -5.63 -10.20 11.99
C ASP B 35 -6.39 -10.92 10.89
N ARG B 36 -7.44 -10.32 10.36
CA ARG B 36 -8.28 -10.86 9.33
C ARG B 36 -8.65 -9.91 8.19
N TRP B 37 -8.23 -8.66 8.17
CA TRP B 37 -8.64 -7.76 7.10
C TRP B 37 -7.42 -7.22 6.35
N VAL B 38 -7.45 -7.24 5.02
CA VAL B 38 -6.44 -6.69 4.16
C VAL B 38 -7.11 -5.61 3.28
N LEU B 39 -6.40 -4.52 3.17
CA LEU B 39 -6.81 -3.31 2.43
C LEU B 39 -6.07 -3.26 1.12
N THR B 40 -6.74 -2.96 -0.02
CA THR B 40 -6.04 -2.81 -1.29
C THR B 40 -6.76 -1.78 -2.18
N ALA B 41 -6.32 -1.66 -3.41
CA ALA B 41 -6.96 -0.84 -4.44
C ALA B 41 -8.00 -1.69 -5.17
N ALA B 42 -9.17 -1.12 -5.36
CA ALA B 42 -10.22 -1.81 -6.12
C ALA B 42 -9.72 -2.21 -7.48
N HIS B 43 -8.93 -1.39 -8.14
CA HIS B 43 -8.50 -1.67 -9.52
C HIS B 43 -7.66 -2.96 -9.56
N CYS B 44 -7.15 -3.42 -8.43
CA CYS B 44 -6.41 -4.67 -8.32
C CYS B 44 -7.30 -5.88 -8.58
N LEU B 45 -8.57 -5.67 -8.30
CA LEU B 45 -9.59 -6.71 -8.28
C LEU B 45 -10.58 -6.55 -9.43
N LEU B 46 -10.95 -5.32 -9.75
CA LEU B 46 -11.96 -5.03 -10.80
C LEU B 46 -11.51 -3.91 -11.69
N TYR B 47 -11.25 -4.20 -12.96
CA TYR B 47 -10.92 -3.17 -13.92
C TYR B 47 -11.32 -3.64 -15.32
N PRO B 48 -12.62 -3.47 -15.60
CA PRO B 48 -13.21 -3.97 -16.87
C PRO B 48 -12.51 -3.49 -18.11
N PRO B 49 -11.92 -2.32 -18.28
CA PRO B 49 -11.19 -2.03 -19.50
C PRO B 49 -10.03 -3.00 -19.77
N TRP B 50 -9.61 -3.75 -18.76
CA TRP B 50 -8.50 -4.66 -19.01
C TRP B 50 -8.94 -6.11 -18.82
N ASP B 51 -10.26 -6.26 -18.79
CA ASP B 51 -10.94 -7.52 -18.57
C ASP B 51 -10.48 -8.13 -17.24
N LYS B 52 -10.31 -7.26 -16.24
CA LYS B 52 -9.96 -7.75 -14.91
C LYS B 52 -11.16 -7.78 -13.98
N ASN B 53 -11.43 -8.93 -13.37
CA ASN B 53 -12.52 -9.10 -12.44
C ASN B 53 -12.31 -10.36 -11.59
N PHE B 54 -11.48 -10.27 -10.56
CA PHE B 54 -11.08 -11.44 -9.79
C PHE B 54 -12.07 -11.74 -8.68
N THR B 55 -12.30 -13.02 -8.49
CA THR B 55 -13.08 -13.60 -7.42
C THR B 55 -12.16 -14.16 -6.33
N GLU B 56 -12.69 -14.33 -5.15
CA GLU B 56 -11.97 -14.79 -3.97
C GLU B 56 -11.07 -15.97 -4.29
N ASN B 57 -11.61 -16.93 -5.03
CA ASN B 57 -10.91 -18.19 -5.26
C ASN B 57 -9.84 -18.10 -6.32
N ASP B 58 -9.63 -16.95 -6.97
CA ASP B 58 -8.57 -16.73 -7.92
C ASP B 58 -7.25 -16.33 -7.27
N LEU B 59 -7.35 -15.94 -6.01
CA LEU B 59 -6.21 -15.30 -5.37
C LEU B 59 -5.81 -15.87 -4.01
N LEU B 60 -4.62 -15.50 -3.59
CA LEU B 60 -4.15 -15.67 -2.23
C LEU B 60 -3.49 -14.38 -1.71
N VAL B 61 -3.41 -14.27 -0.39
CA VAL B 61 -2.63 -13.19 0.28
C VAL B 61 -1.32 -13.72 0.84
N ARG B 62 -0.18 -13.12 0.49
CA ARG B 62 1.08 -13.54 1.12
C ARG B 62 1.58 -12.43 2.05
N ILE B 63 1.76 -12.74 3.32
CA ILE B 63 2.04 -11.80 4.38
C ILE B 63 3.35 -12.11 5.09
N GLY B 64 4.09 -11.05 5.42
CA GLY B 64 5.38 -11.22 6.04
C GLY B 64 6.51 -11.38 5.07
N LYS B 65 6.33 -11.04 3.79
CA LYS B 65 7.34 -11.25 2.78
C LYS B 65 8.40 -10.15 2.70
N HIS B 66 9.52 -10.54 2.13
CA HIS B 66 10.65 -9.69 1.82
C HIS B 66 11.07 -9.91 0.36
N SER B 67 11.55 -11.12 0.09
CA SER B 67 11.80 -11.54 -1.27
C SER B 67 10.52 -11.57 -2.13
N ARG B 68 10.63 -11.08 -3.36
CA ARG B 68 9.52 -11.06 -4.32
C ARG B 68 9.13 -12.48 -4.71
N THR B 69 10.08 -13.23 -5.25
CA THR B 69 9.83 -14.51 -5.91
C THR B 69 9.95 -15.75 -5.04
N ARG B 70 10.78 -15.68 -4.03
CA ARG B 70 11.16 -16.75 -3.14
C ARG B 70 10.02 -17.15 -2.24
N TYR B 71 9.89 -18.43 -1.92
CA TYR B 71 8.91 -18.85 -0.92
C TYR B 71 9.62 -18.84 0.44
N GLU B 72 9.12 -17.99 1.33
CA GLU B 72 9.90 -17.61 2.52
C GLU B 72 9.42 -18.42 3.70
N ARG B 73 9.96 -19.64 3.59
CA ARG B 73 9.74 -20.65 4.58
C ARG B 73 9.98 -20.20 6.02
N ASN B 74 9.02 -20.49 6.88
CA ASN B 74 8.99 -20.23 8.29
C ASN B 74 8.83 -18.75 8.60
N ILE B 75 8.55 -17.97 7.54
CA ILE B 75 8.47 -16.52 7.71
C ILE B 75 7.17 -15.99 7.10
N GLU B 76 7.02 -16.08 5.79
CA GLU B 76 5.72 -15.62 5.25
C GLU B 76 4.60 -16.56 5.66
N LYS B 77 3.40 -16.02 5.61
CA LYS B 77 2.19 -16.78 5.82
C LYS B 77 1.29 -16.55 4.60
N ILE B 78 0.68 -17.62 4.11
CA ILE B 78 -0.17 -17.53 2.91
C ILE B 78 -1.62 -17.66 3.31
N SER B 79 -2.51 -16.75 2.94
CA SER B 79 -3.89 -16.84 3.42
C SER B 79 -4.86 -16.84 2.23
N MET B 80 -5.97 -17.50 2.47
CA MET B 80 -7.06 -17.63 1.51
C MET B 80 -8.08 -16.54 1.80
N LEU B 81 -8.74 -16.04 0.74
CA LEU B 81 -9.76 -15.03 0.93
CA LEU B 81 -9.78 -15.04 0.82
C LEU B 81 -11.16 -15.60 1.13
N GLU B 82 -11.84 -15.07 2.14
CA GLU B 82 -13.21 -15.39 2.47
C GLU B 82 -14.14 -14.50 1.65
N LYS B 83 -13.84 -13.21 1.54
CA LYS B 83 -14.76 -12.30 0.84
C LYS B 83 -14.03 -11.02 0.43
N ILE B 84 -14.32 -10.59 -0.77
CA ILE B 84 -13.87 -9.33 -1.33
C ILE B 84 -15.00 -8.30 -1.26
N TYR B 85 -14.68 -7.09 -0.84
CA TYR B 85 -15.55 -5.95 -0.77
C TYR B 85 -14.92 -4.77 -1.52
N ILE B 86 -15.58 -4.35 -2.57
CA ILE B 86 -15.18 -3.16 -3.34
C ILE B 86 -16.13 -2.02 -3.08
N HIS B 87 -15.60 -0.79 -2.98
CA HIS B 87 -16.37 0.40 -2.77
C HIS B 87 -17.53 0.49 -3.78
N PRO B 88 -18.76 0.64 -3.35
CA PRO B 88 -19.89 0.59 -4.28
C PRO B 88 -19.98 1.74 -5.25
N ARG B 89 -19.30 2.83 -5.09
CA ARG B 89 -19.05 4.01 -5.91
C ARG B 89 -17.63 4.15 -6.43
N TYR B 90 -16.85 3.08 -6.43
CA TYR B 90 -15.61 2.99 -7.20
C TYR B 90 -15.85 3.30 -8.67
N ASN B 91 -15.17 4.31 -9.18
CA ASN B 91 -15.27 4.82 -10.53
C ASN B 91 -14.19 4.30 -11.46
N TRP B 92 -14.37 3.06 -11.91
CA TRP B 92 -13.45 2.46 -12.86
C TRP B 92 -13.66 3.04 -14.27
N ARG B 93 -14.80 3.68 -14.49
CA ARG B 93 -15.07 4.13 -15.87
C ARG B 93 -14.24 5.33 -16.25
N GLU B 94 -14.00 6.20 -15.26
CA GLU B 94 -13.36 7.48 -15.54
C GLU B 94 -11.99 7.67 -14.89
N ASN B 95 -11.97 7.88 -13.56
CA ASN B 95 -10.72 8.31 -12.92
C ASN B 95 -10.28 7.51 -11.71
N LEU B 96 -10.85 6.34 -11.44
CA LEU B 96 -10.47 5.52 -10.28
C LEU B 96 -10.82 6.21 -8.99
N ASP B 97 -11.82 7.08 -9.03
CA ASP B 97 -12.35 7.64 -7.77
C ASP B 97 -12.80 6.54 -6.82
N ARG B 98 -12.45 6.65 -5.55
CA ARG B 98 -12.80 5.72 -4.50
C ARG B 98 -12.16 4.37 -4.81
N ASP B 99 -10.86 4.41 -5.12
CA ASP B 99 -10.13 3.21 -5.54
C ASP B 99 -9.72 2.42 -4.31
N ILE B 100 -10.65 1.65 -3.76
CA ILE B 100 -10.40 0.99 -2.47
C ILE B 100 -11.24 -0.29 -2.36
N ALA B 101 -10.67 -1.32 -1.72
CA ALA B 101 -11.38 -2.57 -1.52
C ALA B 101 -10.81 -3.24 -0.26
N LEU B 102 -11.65 -3.98 0.42
CA LEU B 102 -11.29 -4.82 1.53
C LEU B 102 -11.37 -6.30 1.18
N MET B 103 -10.45 -7.04 1.80
CA MET B 103 -10.49 -8.49 1.65
C MET B 103 -10.54 -9.12 3.04
N LYS B 104 -11.50 -10.00 3.29
CA LYS B 104 -11.58 -10.73 4.56
C LYS B 104 -10.95 -12.11 4.40
N LEU B 105 -10.09 -12.47 5.34
CA LEU B 105 -9.31 -13.71 5.30
C LEU B 105 -10.08 -14.88 5.90
N LYS B 106 -9.82 -16.06 5.35
CA LYS B 106 -10.58 -17.21 5.85
C LYS B 106 -10.26 -17.48 7.32
N LYS B 107 -9.00 -17.35 7.70
CA LYS B 107 -8.54 -17.60 9.06
C LYS B 107 -7.72 -16.40 9.55
N PRO B 108 -7.61 -16.19 10.85
CA PRO B 108 -6.81 -15.05 11.32
C PRO B 108 -5.34 -15.32 11.05
N VAL B 109 -4.56 -14.30 10.68
CA VAL B 109 -3.12 -14.57 10.48
C VAL B 109 -2.40 -14.40 11.82
N ALA B 110 -1.31 -15.14 12.02
CA ALA B 110 -0.57 -15.02 13.27
C ALA B 110 0.47 -13.90 13.16
N PHE B 111 0.40 -12.98 14.12
CA PHE B 111 1.34 -11.87 14.12
C PHE B 111 2.73 -12.40 14.53
N SER B 112 3.74 -11.76 14.01
CA SER B 112 5.12 -12.15 14.30
C SER B 112 6.05 -10.96 14.19
N ASP B 113 7.35 -11.21 14.16
CA ASP B 113 8.31 -10.13 13.97
C ASP B 113 8.11 -9.48 12.60
N TYR B 114 7.55 -10.25 11.67
CA TYR B 114 7.48 -9.83 10.27
C TYR B 114 6.08 -9.51 9.75
N ILE B 115 5.10 -9.72 10.58
CA ILE B 115 3.69 -9.64 10.36
C ILE B 115 2.98 -8.89 11.47
N HIS B 116 2.45 -7.70 11.11
CA HIS B 116 1.89 -6.81 12.09
C HIS B 116 1.07 -5.73 11.46
N PRO B 117 -0.09 -5.38 12.00
CA PRO B 117 -0.94 -4.44 11.25
C PRO B 117 -0.50 -2.99 11.36
N VAL B 118 -0.88 -2.23 10.34
CA VAL B 118 -0.65 -0.78 10.35
C VAL B 118 -1.88 -0.07 10.88
N CYS B 119 -1.79 1.14 11.39
CA CYS B 119 -3.00 1.82 11.86
C CYS B 119 -3.69 2.59 10.72
N LEU B 120 -4.98 2.77 10.88
CA LEU B 120 -5.72 3.65 9.98
C LEU B 120 -5.95 4.98 10.69
N PRO B 121 -5.85 6.09 9.98
CA PRO B 121 -5.92 7.38 10.66
C PRO B 121 -7.32 7.79 11.13
N ASP B 122 -7.28 8.48 12.27
CA ASP B 122 -8.37 9.27 12.77
C ASP B 122 -8.33 10.62 12.09
N ARG B 123 -9.45 11.33 12.20
CA ARG B 123 -9.54 12.65 11.59
C ARG B 123 -8.40 13.57 11.98
N GLU B 124 -8.01 13.54 13.27
CA GLU B 124 -7.01 14.53 13.71
C GLU B 124 -5.63 14.19 13.17
N THR B 125 -5.30 12.90 13.14
CA THR B 125 -4.00 12.52 12.57
C THR B 125 -3.96 12.89 11.09
N ALA B 126 -5.05 12.65 10.36
CA ALA B 126 -5.05 13.03 8.94
C ALA B 126 -4.94 14.52 8.75
N ALA B 127 -5.65 15.26 9.61
CA ALA B 127 -5.56 16.70 9.39
C ALA B 127 -4.16 17.18 9.69
N SER B 128 -3.50 16.59 10.68
CA SER B 128 -2.14 17.00 10.98
C SER B 128 -1.07 16.54 10.00
N LEU B 129 -1.22 15.37 9.39
CA LEU B 129 -0.15 14.83 8.55
C LEU B 129 -0.31 15.04 7.06
N LEU B 130 -1.55 15.20 6.60
CA LEU B 130 -1.68 15.31 5.14
C LEU B 130 -1.55 16.76 4.71
N GLN B 131 -0.34 17.24 4.75
CA GLN B 131 0.08 18.57 4.39
C GLN B 131 1.12 18.49 3.28
N ALA B 132 0.98 19.39 2.30
CA ALA B 132 2.02 19.54 1.28
C ALA B 132 3.39 19.65 1.93
N GLY B 133 4.36 18.94 1.41
CA GLY B 133 5.72 18.89 1.88
C GLY B 133 5.97 17.80 2.88
N TYR B 134 4.92 17.34 3.58
CA TYR B 134 5.17 16.25 4.53
C TYR B 134 5.41 14.97 3.72
N LYS B 135 6.35 14.16 4.17
CA LYS B 135 6.66 12.92 3.45
C LYS B 135 5.99 11.69 4.02
N GLY B 136 5.60 10.79 3.13
CA GLY B 136 5.18 9.46 3.46
C GLY B 136 6.14 8.48 2.82
N ARG B 137 5.84 7.21 3.03
CA ARG B 137 6.60 6.11 2.50
C ARG B 137 5.77 5.11 1.72
N VAL B 138 6.28 4.73 0.54
CA VAL B 138 5.49 3.73 -0.16
C VAL B 138 6.39 2.53 -0.46
N THR B 139 5.74 1.38 -0.46
CA THR B 139 6.47 0.13 -0.51
C THR B 139 5.87 -0.80 -1.54
N GLY B 140 6.72 -1.64 -2.15
CA GLY B 140 6.13 -2.63 -3.05
C GLY B 140 7.13 -3.45 -3.84
N TRP B 141 6.64 -4.44 -4.57
CA TRP B 141 7.47 -5.31 -5.41
C TRP B 141 7.25 -5.10 -6.89
N GLY B 142 6.75 -3.93 -7.24
CA GLY B 142 6.51 -3.66 -8.65
C GLY B 142 7.76 -3.22 -9.38
N ASN B 143 7.55 -2.85 -10.65
CA ASN B 143 8.65 -2.50 -11.50
C ASN B 143 9.55 -1.39 -10.99
N LEU B 144 10.82 -1.55 -11.32
CA LEU B 144 11.85 -0.57 -10.99
C LEU B 144 11.95 0.58 -11.98
N LYS B 145 11.35 0.48 -13.16
CA LYS B 145 11.23 1.62 -14.08
C LYS B 145 10.04 1.39 -15.01
N GLU B 146 9.59 2.40 -15.77
CA GLU B 146 8.55 2.08 -16.75
C GLU B 146 9.24 1.54 -18.02
N THR B 147 9.09 0.25 -18.25
CA THR B 147 9.83 -0.59 -19.17
C THR B 147 11.26 -0.04 -19.35
N GLN B 156 12.19 -5.68 -12.35
CA GLN B 156 11.66 -6.43 -11.20
C GLN B 156 12.71 -6.57 -10.08
N PRO B 157 12.34 -6.19 -8.86
CA PRO B 157 13.23 -6.28 -7.71
C PRO B 157 13.38 -7.67 -7.13
N SER B 158 14.54 -7.93 -6.50
CA SER B 158 14.68 -9.15 -5.76
C SER B 158 13.93 -9.10 -4.42
N VAL B 159 13.95 -7.92 -3.80
CA VAL B 159 13.27 -7.77 -2.52
C VAL B 159 12.39 -6.52 -2.51
N LEU B 160 11.49 -6.47 -1.53
CA LEU B 160 10.67 -5.29 -1.29
C LEU B 160 11.43 -3.98 -1.32
N GLN B 161 10.86 -3.02 -2.02
CA GLN B 161 11.47 -1.74 -2.26
C GLN B 161 10.70 -0.69 -1.45
N VAL B 162 11.40 0.38 -1.06
CA VAL B 162 10.80 1.42 -0.23
C VAL B 162 11.21 2.78 -0.74
N VAL B 163 10.35 3.78 -0.74
CA VAL B 163 10.71 5.11 -1.17
C VAL B 163 9.90 6.14 -0.38
N ASN B 164 10.55 7.23 0.03
CA ASN B 164 9.89 8.30 0.78
C ASN B 164 9.62 9.47 -0.17
N LEU B 165 8.38 9.95 -0.12
CA LEU B 165 7.88 10.93 -1.08
C LEU B 165 7.07 12.02 -0.40
N PRO B 166 7.26 13.28 -0.81
CA PRO B 166 6.46 14.35 -0.24
C PRO B 166 5.08 14.50 -0.89
N ILE B 167 4.13 14.81 -0.04
CA ILE B 167 2.79 15.16 -0.46
C ILE B 167 2.90 16.46 -1.27
N VAL B 168 2.16 16.51 -2.36
CA VAL B 168 2.17 17.65 -3.28
C VAL B 168 0.90 18.48 -3.12
N GLU B 169 1.03 19.79 -3.19
CA GLU B 169 -0.07 20.74 -3.20
C GLU B 169 -1.14 20.37 -4.24
N ARG B 170 -2.40 20.42 -3.85
CA ARG B 170 -3.52 20.06 -4.71
C ARG B 170 -3.53 20.80 -6.04
N PRO B 171 -3.29 22.10 -6.11
CA PRO B 171 -3.16 22.76 -7.42
C PRO B 171 -2.08 22.20 -8.33
N VAL B 172 -0.94 21.78 -7.80
CA VAL B 172 0.12 21.18 -8.59
C VAL B 172 -0.30 19.80 -9.08
N CYS B 173 -0.93 19.00 -8.22
CA CYS B 173 -1.56 17.71 -8.57
C CYS B 173 -2.46 17.93 -9.79
N LYS B 174 -3.39 18.86 -9.68
CA LYS B 174 -4.36 19.14 -10.72
C LYS B 174 -3.76 19.58 -12.06
N ASP B 175 -2.80 20.47 -11.97
CA ASP B 175 -2.17 21.04 -13.16
C ASP B 175 -1.19 20.09 -13.80
N SER B 176 -0.97 18.92 -13.20
CA SER B 176 -0.01 17.99 -13.82
C SER B 176 -0.65 16.97 -14.76
N THR B 177 -1.97 16.97 -14.84
CA THR B 177 -2.73 15.95 -15.54
C THR B 177 -3.99 16.52 -16.14
N ARG B 178 -4.49 15.80 -17.17
CA ARG B 178 -5.78 16.03 -17.75
C ARG B 178 -6.87 15.23 -17.06
N ILE B 179 -6.53 14.27 -16.23
CA ILE B 179 -7.56 13.51 -15.49
C ILE B 179 -8.23 14.36 -14.43
N ARG B 180 -9.53 14.12 -14.20
CA ARG B 180 -10.28 14.86 -13.18
C ARG B 180 -9.93 14.37 -11.77
N ILE B 181 -9.28 15.20 -10.95
CA ILE B 181 -8.92 14.64 -9.62
C ILE B 181 -9.96 14.93 -8.58
N THR B 182 -10.11 14.08 -7.56
CA THR B 182 -11.18 14.25 -6.62
C THR B 182 -10.62 14.38 -5.19
N ASP B 183 -11.49 14.73 -4.26
CA ASP B 183 -11.12 14.90 -2.87
C ASP B 183 -10.73 13.58 -2.18
N ASN B 184 -11.03 12.49 -2.81
CA ASN B 184 -10.70 11.12 -2.42
C ASN B 184 -9.35 10.64 -2.92
N MET B 185 -8.52 11.57 -3.42
CA MET B 185 -7.19 11.30 -3.89
C MET B 185 -6.26 12.40 -3.40
N PHE B 186 -5.00 12.01 -3.28
CA PHE B 186 -3.91 12.94 -3.11
C PHE B 186 -2.73 12.47 -3.97
N CYS B 187 -1.80 13.40 -4.20
CA CYS B 187 -0.65 13.02 -5.02
C CYS B 187 0.62 13.32 -4.23
N ALA B 188 1.66 12.60 -4.60
CA ALA B 188 2.94 12.70 -3.89
C ALA B 188 4.08 12.50 -4.89
N GLY B 189 5.24 13.07 -4.57
CA GLY B 189 6.40 12.98 -5.43
C GLY B 189 7.16 14.28 -5.49
N TYR B 190 8.38 14.20 -6.00
CA TYR B 190 9.21 15.40 -6.10
C TYR B 190 8.93 16.18 -7.39
N LYS B 191 9.05 17.49 -7.27
CA LYS B 191 8.92 18.38 -8.43
C LYS B 191 10.22 18.32 -9.21
N PRO B 192 10.18 18.55 -10.51
CA PRO B 192 11.40 18.62 -11.32
C PRO B 192 12.51 19.44 -10.70
N ASP B 193 12.20 20.64 -10.19
CA ASP B 193 13.29 21.45 -9.62
C ASP B 193 13.85 20.84 -8.34
N GLU B 194 13.13 19.90 -7.74
CA GLU B 194 13.45 19.41 -6.40
C GLU B 194 14.64 18.47 -6.43
N GLY B 195 14.98 18.06 -7.65
CA GLY B 195 16.10 17.15 -7.86
C GLY B 195 15.66 15.71 -7.63
N LYS B 196 15.68 15.29 -6.39
CA LYS B 196 15.33 13.96 -5.89
C LYS B 196 14.20 13.36 -6.70
N ARG B 197 14.14 12.03 -6.83
CA ARG B 197 12.97 11.48 -7.52
C ARG B 197 12.51 10.20 -6.86
N GLY B 198 11.63 9.44 -7.48
CA GLY B 198 11.02 8.23 -7.01
C GLY B 198 9.52 8.21 -7.24
N ASP B 199 8.96 7.01 -7.32
CA ASP B 199 7.54 6.87 -7.58
C ASP B 199 7.19 5.41 -7.41
N ALA B 200 5.90 5.18 -7.31
CA ALA B 200 5.35 3.86 -7.48
C ALA B 200 5.26 3.56 -8.98
N CYS B 201 5.02 2.29 -9.26
CA CYS B 201 4.94 1.82 -10.64
C CYS B 201 4.01 0.62 -10.72
N GLU B 202 3.89 0.09 -11.93
CA GLU B 202 3.12 -1.12 -12.15
C GLU B 202 3.50 -2.22 -11.17
N GLY B 203 2.49 -2.81 -10.54
CA GLY B 203 2.64 -3.88 -9.58
C GLY B 203 2.73 -3.36 -8.14
N ASP B 204 2.88 -2.05 -7.98
CA ASP B 204 2.90 -1.42 -6.64
C ASP B 204 1.49 -1.06 -6.21
N SER B 205 0.58 -1.08 -7.20
CA SER B 205 -0.84 -0.91 -6.96
C SER B 205 -1.34 -1.62 -5.71
N GLY B 206 -2.14 -0.90 -4.94
CA GLY B 206 -2.82 -1.43 -3.77
C GLY B 206 -1.98 -1.38 -2.50
N GLY B 207 -0.71 -1.09 -2.65
CA GLY B 207 0.22 -0.94 -1.54
C GLY B 207 -0.01 0.34 -0.78
N PRO B 208 0.50 0.35 0.44
CA PRO B 208 0.27 1.47 1.36
C PRO B 208 1.21 2.65 1.21
N PHE B 209 0.67 3.85 1.40
CA PHE B 209 1.41 5.07 1.61
C PHE B 209 1.34 5.33 3.11
N VAL B 210 2.45 5.21 3.83
CA VAL B 210 2.39 5.36 5.29
C VAL B 210 3.16 6.57 5.80
N MET B 211 2.70 7.08 6.95
CA MET B 211 3.40 8.16 7.65
C MET B 211 3.60 7.80 9.11
N LYS B 212 4.70 8.21 9.70
CA LYS B 212 4.88 7.92 11.13
C LYS B 212 4.48 9.12 11.96
N SER B 213 3.44 8.94 12.78
CA SER B 213 2.98 10.09 13.54
C SER B 213 4.04 10.51 14.56
N PRO B 214 4.36 11.80 14.56
CA PRO B 214 5.29 12.31 15.58
C PRO B 214 4.61 12.53 16.92
N PHE B 215 3.29 12.34 16.99
CA PHE B 215 2.62 12.55 18.27
C PHE B 215 2.62 11.32 19.14
N ASN B 216 2.49 10.14 18.53
CA ASN B 216 2.50 8.87 19.25
C ASN B 216 3.42 7.77 18.72
N ASN B 217 4.24 8.11 17.75
CA ASN B 217 5.25 7.33 17.10
C ASN B 217 4.73 6.01 16.52
N ARG B 218 3.53 6.00 15.99
CA ARG B 218 2.87 4.92 15.30
C ARG B 218 2.76 5.22 13.80
N TRP B 219 2.88 4.15 13.03
CA TRP B 219 2.69 4.23 11.58
C TRP B 219 1.22 4.16 11.19
N TYR B 220 0.81 5.09 10.34
CA TYR B 220 -0.52 5.21 9.81
C TYR B 220 -0.56 5.09 8.29
N GLN B 221 -1.56 4.31 7.82
CA GLN B 221 -1.66 4.23 6.36
C GLN B 221 -2.54 5.36 5.86
N MET B 222 -2.02 6.42 5.24
CA MET B 222 -2.82 7.50 4.72
C MET B 222 -3.31 7.31 3.30
N GLY B 223 -2.64 6.44 2.55
CA GLY B 223 -3.02 6.28 1.15
C GLY B 223 -2.84 4.88 0.63
N ILE B 224 -3.46 4.63 -0.55
CA ILE B 224 -3.30 3.40 -1.30
C ILE B 224 -2.74 3.73 -2.67
N VAL B 225 -1.72 3.04 -3.14
CA VAL B 225 -1.20 3.29 -4.50
C VAL B 225 -2.29 3.10 -5.53
N SER B 226 -2.63 4.14 -6.30
CA SER B 226 -3.79 4.11 -7.17
C SER B 226 -3.43 4.25 -8.64
N TRP B 227 -2.95 5.40 -9.08
CA TRP B 227 -2.70 5.58 -10.51
C TRP B 227 -1.60 6.59 -10.71
N GLY B 228 -1.06 6.57 -11.94
CA GLY B 228 -0.06 7.53 -12.36
C GLY B 228 0.12 7.36 -13.87
N GLU B 229 0.53 8.43 -14.52
CA GLU B 229 0.75 8.39 -15.97
C GLU B 229 2.23 8.16 -16.15
N GLY B 230 2.55 6.92 -16.55
CA GLY B 230 3.98 6.60 -16.52
C GLY B 230 4.40 6.35 -15.07
N CYS B 231 5.70 6.23 -14.84
CA CYS B 231 6.31 6.05 -13.54
C CYS B 231 7.52 6.97 -13.47
N ASP B 232 7.64 7.84 -12.48
CA ASP B 232 8.79 8.68 -12.19
C ASP B 232 9.10 9.59 -13.37
N ARG B 233 8.05 10.09 -14.02
CA ARG B 233 8.25 11.11 -15.04
C ARG B 233 8.34 12.49 -14.45
N ASP B 234 9.22 13.33 -14.98
CA ASP B 234 9.23 14.73 -14.56
C ASP B 234 7.87 15.37 -14.79
N GLY B 235 7.46 16.11 -13.77
CA GLY B 235 6.26 16.90 -13.84
C GLY B 235 4.99 16.10 -13.62
N LYS B 236 5.13 14.81 -13.41
CA LYS B 236 4.01 13.93 -13.09
C LYS B 236 4.18 13.42 -11.65
N TYR B 237 3.09 12.98 -11.04
CA TYR B 237 3.01 12.57 -9.65
C TYR B 237 2.24 11.29 -9.52
N GLY B 238 2.52 10.49 -8.49
CA GLY B 238 1.64 9.34 -8.23
C GLY B 238 0.43 9.79 -7.44
N PHE B 239 -0.69 9.12 -7.67
CA PHE B 239 -1.96 9.39 -7.05
C PHE B 239 -2.32 8.20 -6.16
N TYR B 240 -2.86 8.57 -5.02
CA TYR B 240 -3.15 7.73 -3.88
C TYR B 240 -4.59 7.93 -3.44
N THR B 241 -5.24 6.81 -3.17
CA THR B 241 -6.55 6.84 -2.52
C THR B 241 -6.41 7.42 -1.12
N HIS B 242 -7.28 8.37 -0.83
CA HIS B 242 -7.27 9.04 0.49
C HIS B 242 -8.01 8.22 1.50
N VAL B 243 -7.27 7.46 2.31
CA VAL B 243 -7.90 6.46 3.16
C VAL B 243 -8.85 7.10 4.15
N PHE B 244 -8.46 8.21 4.77
CA PHE B 244 -9.31 8.78 5.80
C PHE B 244 -10.66 9.16 5.21
N ARG B 245 -10.67 9.61 3.97
CA ARG B 245 -11.89 10.10 3.33
C ARG B 245 -12.86 8.96 3.12
N LEU B 246 -12.38 7.72 3.10
CA LEU B 246 -13.27 6.58 2.85
C LEU B 246 -13.43 5.72 4.09
N LYS B 247 -13.00 6.23 5.26
CA LYS B 247 -12.95 5.43 6.47
C LYS B 247 -14.33 4.94 6.91
N LYS B 248 -15.32 5.76 6.64
CA LYS B 248 -16.69 5.46 7.08
C LYS B 248 -17.16 4.19 6.42
N TRP B 249 -16.88 4.08 5.12
CA TRP B 249 -17.14 2.85 4.40
C TRP B 249 -16.36 1.67 4.96
N ILE B 250 -15.07 1.89 5.24
CA ILE B 250 -14.23 0.83 5.76
C ILE B 250 -14.80 0.27 7.06
N GLN B 251 -15.29 1.18 7.91
CA GLN B 251 -15.77 0.75 9.22
C GLN B 251 -17.13 0.05 9.09
N LYS B 252 -17.98 0.57 8.23
CA LYS B 252 -19.26 -0.10 7.95
C LYS B 252 -19.00 -1.53 7.54
N VAL B 253 -18.11 -1.75 6.56
CA VAL B 253 -17.85 -3.10 6.09
C VAL B 253 -17.37 -4.00 7.22
N ILE B 254 -16.36 -3.49 7.93
CA ILE B 254 -15.81 -4.28 9.03
C ILE B 254 -16.84 -4.43 10.12
N ASP B 255 -17.61 -3.36 10.37
CA ASP B 255 -18.61 -3.46 11.44
C ASP B 255 -19.75 -4.39 11.06
N GLN B 256 -19.93 -4.63 9.78
CA GLN B 256 -21.02 -5.39 9.18
C GLN B 256 -20.64 -6.84 8.95
N PHE B 257 -19.39 -7.07 8.56
CA PHE B 257 -18.95 -8.43 8.21
C PHE B 257 -17.86 -8.92 9.15
N GLY B 258 -17.83 -8.30 10.33
CA GLY B 258 -16.95 -8.62 11.43
C GLY B 258 -15.49 -8.69 11.05
N GLY C 1 6.60 -15.47 -13.45
CA GLY C 1 6.95 -16.88 -13.57
C GLY C 1 8.31 -17.21 -12.96
N ASP C 2 8.93 -16.25 -12.31
CA ASP C 2 10.19 -16.45 -11.60
C ASP C 2 9.86 -16.76 -10.14
N PHE C 3 8.57 -17.02 -9.93
CA PHE C 3 8.05 -17.30 -8.61
C PHE C 3 8.26 -18.74 -8.20
N GLU C 4 8.88 -18.88 -7.02
CA GLU C 4 9.08 -20.20 -6.46
C GLU C 4 7.74 -20.83 -6.19
N GLU C 5 7.63 -22.10 -6.57
CA GLU C 5 6.44 -22.89 -6.27
C GLU C 5 6.07 -22.73 -4.79
N ILE C 6 4.79 -22.57 -4.51
CA ILE C 6 4.38 -22.52 -3.11
C ILE C 6 3.85 -23.89 -2.71
N PRO C 7 3.84 -24.19 -1.41
CA PRO C 7 3.31 -25.46 -0.95
C PRO C 7 1.90 -25.67 -1.49
N GLU C 8 1.75 -26.83 -2.13
CA GLU C 8 0.54 -27.22 -2.83
C GLU C 8 -0.73 -26.95 -2.01
N GLU C 9 -0.61 -27.05 -0.70
CA GLU C 9 -1.70 -27.00 0.26
C GLU C 9 -2.36 -25.62 0.25
N LEU C 11 -2.82 -23.97 -2.53
CA LEU C 11 -3.54 -23.93 -3.81
C LEU C 11 -4.88 -24.65 -3.70
#